data_4G3V
#
_entry.id   4G3V
#
_cell.length_a   65.450
_cell.length_b   65.450
_cell.length_c   128.590
_cell.angle_alpha   90.00
_cell.angle_beta   90.00
_cell.angle_gamma   120.00
#
_symmetry.space_group_name_H-M   'P 32 2 1'
#
loop_
_entity.id
_entity.type
_entity.pdbx_description
1 polymer 'Transcriptional regulator nlh2'
2 non-polymer 'CHLORIDE ION'
3 water water
#
_entity_poly.entity_id   1
_entity_poly.type   'polypeptide(L)'
_entity_poly.pdbx_seq_one_letter_code
;MERLKLKEINVVNEITKILTGDYTFEESLKEVLKVLYSYLGVEHSFIAIREGNTLRIASSYGYFLNKDVAFKKGEGITGK
VFQRGIPLVIPNVKHNSAFANKTGIGRLLTEKHALIAAPIKVGGEVKGVITIFKEFSDKESLENFYQTINVIGNLLGMFF
KLREKFESEKKA
;
_entity_poly.pdbx_strand_id   A,B
#
loop_
_chem_comp.id
_chem_comp.type
_chem_comp.name
_chem_comp.formula
CL non-polymer 'CHLORIDE ION' 'Cl -1'
#
# COMPACT_ATOMS: atom_id res chain seq x y z
N ARG A 3 -7.63 -1.11 18.07
CA ARG A 3 -7.13 0.07 17.38
C ARG A 3 -7.31 -0.06 15.87
N LEU A 4 -7.86 1.00 15.30
CA LEU A 4 -8.14 1.07 13.89
C LEU A 4 -6.87 0.99 13.05
N LYS A 5 -5.83 1.69 13.46
CA LYS A 5 -4.59 1.68 12.68
C LYS A 5 -4.08 0.25 12.56
N LEU A 6 -4.22 -0.52 13.64
CA LEU A 6 -3.75 -1.89 13.63
C LEU A 6 -4.55 -2.75 12.66
N LYS A 7 -5.87 -2.58 12.65
CA LYS A 7 -6.70 -3.31 11.68
C LYS A 7 -6.39 -2.91 10.24
N GLU A 8 -6.05 -1.65 10.03
CA GLU A 8 -5.68 -1.18 8.69
C GLU A 8 -4.37 -1.80 8.23
N ILE A 9 -3.41 -1.89 9.14
CA ILE A 9 -2.15 -2.53 8.82
C ILE A 9 -2.38 -4.00 8.48
N ASN A 10 -3.15 -4.66 9.33
CA ASN A 10 -3.44 -6.08 9.12
C ASN A 10 -4.22 -6.36 7.83
N VAL A 11 -5.17 -5.51 7.48
CA VAL A 11 -5.94 -5.75 6.27
C VAL A 11 -5.08 -5.55 5.02
N VAL A 12 -4.17 -4.58 5.07
CA VAL A 12 -3.24 -4.39 3.96
C VAL A 12 -2.33 -5.62 3.80
N ASN A 13 -1.80 -6.13 4.90
CA ASN A 13 -1.02 -7.38 4.81
C ASN A 13 -1.84 -8.54 4.25
N GLU A 14 -3.08 -8.66 4.70
CA GLU A 14 -3.96 -9.76 4.27
C GLU A 14 -4.31 -9.64 2.80
N ILE A 15 -4.62 -8.42 2.35
CA ILE A 15 -4.92 -8.18 0.95
C ILE A 15 -3.73 -8.53 0.06
N THR A 16 -2.52 -8.18 0.51
CA THR A 16 -1.33 -8.50 -0.29
C THR A 16 -1.15 -10.01 -0.40
N LYS A 17 -1.42 -10.70 0.69
CA LYS A 17 -1.36 -12.17 0.71
C LYS A 17 -2.35 -12.78 -0.29
N ILE A 18 -3.59 -12.28 -0.29
CA ILE A 18 -4.60 -12.74 -1.25
C ILE A 18 -4.17 -12.47 -2.69
N LEU A 19 -3.73 -11.24 -2.95
CA LEU A 19 -3.42 -10.83 -4.31
C LEU A 19 -2.11 -11.40 -4.86
N THR A 20 -1.26 -11.94 -4.00
CA THR A 20 -0.05 -12.64 -4.47
C THR A 20 -0.24 -14.17 -4.48
N GLY A 21 -1.48 -14.61 -4.26
CA GLY A 21 -1.84 -16.01 -4.33
C GLY A 21 -2.24 -16.42 -5.73
N ASP A 22 -3.08 -17.44 -5.81
CA ASP A 22 -3.36 -18.09 -7.08
C ASP A 22 -4.86 -18.20 -7.32
N TYR A 23 -5.64 -17.38 -6.62
CA TYR A 23 -7.08 -17.36 -6.83
C TYR A 23 -7.39 -16.74 -8.18
N THR A 24 -8.56 -17.02 -8.74
CA THR A 24 -8.91 -16.44 -10.04
C THR A 24 -9.01 -14.94 -9.86
N PHE A 25 -9.02 -14.22 -10.97
CA PHE A 25 -9.06 -12.77 -10.93
C PHE A 25 -10.29 -12.31 -10.16
N GLU A 26 -11.45 -12.83 -10.54
CA GLU A 26 -12.71 -12.43 -9.92
C GLU A 26 -12.80 -12.86 -8.45
N GLU A 27 -12.36 -14.08 -8.13
CA GLU A 27 -12.38 -14.54 -6.73
C GLU A 27 -11.48 -13.65 -5.87
N SER A 28 -10.34 -13.23 -6.43
CA SER A 28 -9.39 -12.38 -5.72
C SER A 28 -10.03 -11.04 -5.34
N LEU A 29 -10.68 -10.41 -6.31
CA LEU A 29 -11.33 -9.12 -6.07
C LEU A 29 -12.43 -9.26 -5.03
N LYS A 30 -13.22 -10.32 -5.14
CA LYS A 30 -14.28 -10.54 -4.17
C LYS A 30 -13.69 -10.71 -2.77
N GLU A 31 -12.58 -11.44 -2.65
CA GLU A 31 -12.02 -11.72 -1.33
C GLU A 31 -11.48 -10.42 -0.72
N VAL A 32 -10.91 -9.54 -1.55
CA VAL A 32 -10.52 -8.21 -1.06
C VAL A 32 -11.71 -7.46 -0.43
N LEU A 33 -12.85 -7.45 -1.12
CA LEU A 33 -14.01 -6.75 -0.59
C LEU A 33 -14.53 -7.42 0.68
N LYS A 34 -14.44 -8.74 0.73
CA LYS A 34 -14.87 -9.48 1.91
CA LYS A 34 -14.87 -9.48 1.90
C LYS A 34 -14.02 -9.11 3.13
N VAL A 35 -12.72 -8.98 2.94
CA VAL A 35 -11.88 -8.62 4.07
C VAL A 35 -12.05 -7.14 4.45
N LEU A 36 -12.39 -6.28 3.49
CA LEU A 36 -12.71 -4.90 3.85
C LEU A 36 -13.91 -4.87 4.78
N TYR A 37 -14.85 -5.76 4.53
CA TYR A 37 -15.99 -5.89 5.42
C TYR A 37 -15.58 -6.47 6.77
N SER A 38 -14.87 -7.60 6.75
CA SER A 38 -14.55 -8.30 7.99
C SER A 38 -13.55 -7.53 8.88
N TYR A 39 -12.57 -6.87 8.27
CA TYR A 39 -11.58 -6.11 9.03
C TYR A 39 -12.04 -4.68 9.34
N LEU A 40 -12.65 -4.00 8.37
CA LEU A 40 -12.90 -2.56 8.50
C LEU A 40 -14.36 -2.13 8.48
N GLY A 41 -15.29 -3.08 8.37
CA GLY A 41 -16.71 -2.80 8.49
C GLY A 41 -17.32 -2.14 7.27
N VAL A 42 -16.70 -2.34 6.12
CA VAL A 42 -17.20 -1.76 4.88
C VAL A 42 -18.28 -2.65 4.31
N GLU A 43 -19.54 -2.23 4.46
CA GLU A 43 -20.67 -3.11 4.15
C GLU A 43 -21.09 -3.08 2.69
N HIS A 44 -20.77 -2.01 1.96
CA HIS A 44 -21.10 -1.91 0.55
C HIS A 44 -19.90 -1.43 -0.25
N SER A 45 -19.56 -2.12 -1.32
CA SER A 45 -18.37 -1.76 -2.08
C SER A 45 -18.38 -2.40 -3.44
N PHE A 46 -17.57 -1.86 -4.35
CA PHE A 46 -17.37 -2.48 -5.63
C PHE A 46 -16.03 -2.09 -6.21
N ILE A 47 -15.54 -2.94 -7.11
CA ILE A 47 -14.35 -2.66 -7.88
C ILE A 47 -14.81 -2.66 -9.33
N ALA A 48 -14.59 -1.54 -10.01
CA ALA A 48 -14.96 -1.40 -11.42
C ALA A 48 -13.71 -1.35 -12.28
N ILE A 49 -13.79 -1.97 -13.45
CA ILE A 49 -12.63 -2.11 -14.31
C ILE A 49 -12.90 -1.50 -15.67
N ARG A 50 -11.85 -0.93 -16.25
CA ARG A 50 -11.93 -0.26 -17.55
C ARG A 50 -12.02 -1.26 -18.68
N GLU A 51 -13.06 -1.14 -19.48
CA GLU A 51 -13.20 -1.91 -20.71
C GLU A 51 -13.34 -0.92 -21.83
N GLY A 52 -12.30 -0.79 -22.65
CA GLY A 52 -12.26 0.26 -23.66
C GLY A 52 -12.10 1.60 -22.97
N ASN A 53 -13.15 2.41 -22.99
CA ASN A 53 -13.14 3.69 -22.29
C ASN A 53 -14.32 3.80 -21.32
N THR A 54 -14.78 2.67 -20.80
CA THR A 54 -15.89 2.67 -19.85
C THR A 54 -15.55 1.76 -18.68
N LEU A 55 -16.01 2.14 -17.48
CA LEU A 55 -15.82 1.29 -16.30
C LEU A 55 -17.01 0.37 -16.13
N ARG A 56 -16.75 -0.90 -15.86
CA ARG A 56 -17.79 -1.84 -15.52
C ARG A 56 -17.50 -2.52 -14.19
N ILE A 57 -18.53 -2.70 -13.38
CA ILE A 57 -18.35 -3.39 -12.11
C ILE A 57 -17.88 -4.82 -12.38
N ALA A 58 -16.76 -5.17 -11.76
CA ALA A 58 -16.15 -6.49 -11.89
C ALA A 58 -16.42 -7.34 -10.65
N SER A 59 -16.50 -6.69 -9.50
CA SER A 59 -16.76 -7.38 -8.25
C SER A 59 -17.52 -6.45 -7.31
N SER A 60 -18.30 -7.01 -6.40
CA SER A 60 -19.13 -6.20 -5.55
C SER A 60 -19.38 -6.88 -4.22
N TYR A 61 -19.83 -6.09 -3.24
CA TYR A 61 -20.15 -6.64 -1.93
C TYR A 61 -21.28 -5.83 -1.32
N GLY A 62 -22.21 -6.53 -0.66
CA GLY A 62 -23.38 -5.89 -0.09
C GLY A 62 -24.46 -5.54 -1.10
N TYR A 63 -24.92 -4.30 -1.05
CA TYR A 63 -26.03 -3.84 -1.87
C TYR A 63 -25.75 -4.00 -3.36
N PHE A 64 -24.49 -3.87 -3.75
CA PHE A 64 -24.13 -3.95 -5.16
C PHE A 64 -24.11 -5.38 -5.73
N LEU A 65 -24.30 -6.37 -4.88
CA LEU A 65 -24.31 -7.74 -5.35
C LEU A 65 -25.34 -7.88 -6.47
N ASN A 66 -24.95 -8.56 -7.55
CA ASN A 66 -25.85 -8.85 -8.67
C ASN A 66 -26.43 -7.60 -9.32
N LYS A 67 -25.60 -6.57 -9.46
CA LYS A 67 -26.02 -5.35 -10.15
C LYS A 67 -25.00 -5.00 -11.24
N ASP A 68 -25.52 -4.77 -12.46
CA ASP A 68 -24.69 -4.44 -13.61
C ASP A 68 -24.70 -2.93 -13.83
N VAL A 69 -23.54 -2.30 -13.68
CA VAL A 69 -23.46 -0.85 -13.73
C VAL A 69 -22.24 -0.38 -14.48
N ALA A 70 -22.42 0.59 -15.37
CA ALA A 70 -21.31 1.14 -16.15
C ALA A 70 -21.15 2.64 -15.88
N PHE A 71 -19.91 3.10 -15.82
CA PHE A 71 -19.60 4.51 -15.61
C PHE A 71 -18.76 5.06 -16.75
N LYS A 72 -19.10 6.24 -17.22
CA LYS A 72 -18.31 6.93 -18.24
C LYS A 72 -17.42 7.95 -17.56
N LYS A 73 -16.33 8.35 -18.22
CA LYS A 73 -15.50 9.41 -17.69
C LYS A 73 -16.37 10.62 -17.36
N GLY A 74 -16.18 11.14 -16.16
CA GLY A 74 -16.88 12.35 -15.72
C GLY A 74 -18.27 12.11 -15.18
N GLU A 75 -18.76 10.87 -15.30
CA GLU A 75 -20.12 10.55 -14.87
C GLU A 75 -20.21 10.16 -13.39
N GLY A 76 -20.81 11.03 -12.59
CA GLY A 76 -20.93 10.77 -11.16
C GLY A 76 -19.58 10.79 -10.46
N ILE A 77 -19.57 10.43 -9.18
CA ILE A 77 -18.36 10.47 -8.36
C ILE A 77 -17.34 9.44 -8.83
N THR A 78 -17.79 8.21 -9.04
CA THR A 78 -16.90 7.17 -9.52
C THR A 78 -16.35 7.51 -10.91
N GLY A 79 -17.20 8.10 -11.77
CA GLY A 79 -16.77 8.50 -13.10
C GLY A 79 -15.74 9.63 -13.08
N LYS A 80 -15.82 10.50 -12.09
CA LYS A 80 -14.84 11.57 -11.98
C LYS A 80 -13.49 11.04 -11.55
N VAL A 81 -13.47 10.06 -10.65
CA VAL A 81 -12.21 9.46 -10.24
C VAL A 81 -11.58 8.76 -11.45
N PHE A 82 -12.44 8.11 -12.23
CA PHE A 82 -12.03 7.45 -13.47
C PHE A 82 -11.35 8.45 -14.42
N GLN A 83 -11.98 9.59 -14.59
CA GLN A 83 -11.49 10.63 -15.52
C GLN A 83 -10.18 11.25 -15.10
N ARG A 84 -10.09 11.67 -13.84
CA ARG A 84 -8.95 12.46 -13.37
C ARG A 84 -7.87 11.65 -12.71
N GLY A 85 -8.21 10.44 -12.27
CA GLY A 85 -7.23 9.59 -11.64
C GLY A 85 -6.82 10.15 -10.28
N ILE A 86 -7.75 10.85 -9.65
CA ILE A 86 -7.54 11.32 -8.28
C ILE A 86 -8.74 10.93 -7.42
N PRO A 87 -8.50 10.64 -6.14
CA PRO A 87 -9.60 10.12 -5.32
C PRO A 87 -10.62 11.18 -4.94
N LEU A 88 -11.82 10.70 -4.60
CA LEU A 88 -12.84 11.54 -3.99
C LEU A 88 -13.30 10.94 -2.65
N VAL A 89 -13.46 11.83 -1.69
CA VAL A 89 -13.91 11.46 -0.34
C VAL A 89 -15.12 12.34 -0.03
N ILE A 90 -16.32 11.75 -0.06
CA ILE A 90 -17.56 12.53 0.01
C ILE A 90 -18.36 12.19 1.25
N PRO A 91 -18.29 13.06 2.26
CA PRO A 91 -19.07 12.86 3.49
C PRO A 91 -20.57 13.03 3.19
N ASN A 92 -21.42 12.32 3.93
CA ASN A 92 -22.86 12.52 3.81
C ASN A 92 -23.29 12.47 2.35
N VAL A 93 -22.84 11.43 1.64
CA VAL A 93 -22.94 11.36 0.19
C VAL A 93 -24.39 11.35 -0.25
N LYS A 94 -25.24 10.84 0.62
CA LYS A 94 -26.67 10.72 0.36
C LYS A 94 -27.21 12.05 -0.16
N HIS A 95 -26.67 13.16 0.37
CA HIS A 95 -27.20 14.49 0.10
C HIS A 95 -26.28 15.34 -0.77
N ASN A 96 -25.33 14.70 -1.44
CA ASN A 96 -24.38 15.42 -2.26
C ASN A 96 -24.86 15.62 -3.68
N SER A 97 -24.64 16.82 -4.22
CA SER A 97 -25.16 17.21 -5.52
C SER A 97 -24.57 16.41 -6.70
N ALA A 98 -23.37 15.85 -6.50
CA ALA A 98 -22.68 15.15 -7.58
C ALA A 98 -22.94 13.65 -7.54
N PHE A 99 -23.67 13.20 -6.54
CA PHE A 99 -23.96 11.78 -6.38
C PHE A 99 -24.99 11.32 -7.40
N ALA A 100 -24.56 10.48 -8.34
CA ALA A 100 -25.44 10.05 -9.43
C ALA A 100 -26.32 8.92 -8.95
N ASN A 101 -26.02 8.41 -7.76
CA ASN A 101 -26.79 7.34 -7.16
C ASN A 101 -27.27 6.39 -8.23
N LYS A 102 -26.36 5.97 -9.10
CA LYS A 102 -26.73 5.14 -10.24
C LYS A 102 -27.46 3.89 -9.76
N THR A 103 -26.92 3.27 -8.72
CA THR A 103 -27.43 2.01 -8.22
C THR A 103 -28.60 2.17 -7.27
N GLY A 104 -29.07 3.41 -7.10
CA GLY A 104 -30.18 3.66 -6.20
C GLY A 104 -29.87 3.26 -4.77
N ILE A 105 -28.60 3.02 -4.47
CA ILE A 105 -28.20 2.68 -3.10
C ILE A 105 -28.56 3.81 -2.16
N GLY A 106 -28.64 5.02 -2.72
CA GLY A 106 -28.97 6.20 -1.94
C GLY A 106 -30.02 5.99 -0.86
N ARG A 107 -31.15 5.41 -1.25
CA ARG A 107 -32.28 5.28 -0.33
C ARG A 107 -31.98 4.32 0.82
N LEU A 108 -30.95 3.50 0.64
CA LEU A 108 -30.52 2.55 1.67
C LEU A 108 -29.47 3.14 2.60
N LEU A 109 -28.80 4.19 2.16
CA LEU A 109 -27.79 4.87 2.97
C LEU A 109 -28.44 5.77 4.03
N THR A 110 -27.74 5.95 5.15
CA THR A 110 -28.10 6.97 6.14
C THR A 110 -27.35 8.25 5.81
N GLU A 111 -27.59 9.29 6.59
CA GLU A 111 -26.91 10.56 6.36
C GLU A 111 -25.44 10.50 6.79
N LYS A 112 -25.08 9.46 7.55
CA LYS A 112 -23.71 9.33 8.04
C LYS A 112 -22.80 8.63 7.03
N HIS A 113 -23.38 7.97 6.05
CA HIS A 113 -22.56 7.26 5.05
C HIS A 113 -21.72 8.20 4.23
N ALA A 114 -20.44 7.88 4.09
CA ALA A 114 -19.58 8.56 3.14
C ALA A 114 -19.27 7.63 1.98
N LEU A 115 -18.88 8.23 0.86
CA LEU A 115 -18.41 7.49 -0.30
C LEU A 115 -16.93 7.79 -0.46
N ILE A 116 -16.10 6.77 -0.55
CA ILE A 116 -14.69 6.97 -0.89
C ILE A 116 -14.39 6.18 -2.15
N ALA A 117 -13.86 6.85 -3.16
CA ALA A 117 -13.55 6.21 -4.42
C ALA A 117 -12.10 6.52 -4.76
N ALA A 118 -11.32 5.48 -5.05
CA ALA A 118 -9.90 5.64 -5.32
C ALA A 118 -9.56 4.94 -6.63
N PRO A 119 -8.64 5.55 -7.38
CA PRO A 119 -8.27 4.99 -8.69
C PRO A 119 -7.36 3.77 -8.52
N ILE A 120 -7.47 2.88 -9.49
CA ILE A 120 -6.61 1.71 -9.62
C ILE A 120 -5.79 1.95 -10.88
N LYS A 121 -4.49 2.17 -10.69
CA LYS A 121 -3.61 2.59 -11.77
C LYS A 121 -2.52 1.60 -12.10
N VAL A 122 -2.30 1.42 -13.40
CA VAL A 122 -1.19 0.61 -13.90
C VAL A 122 -0.33 1.50 -14.79
N GLY A 123 0.93 1.66 -14.41
CA GLY A 123 1.83 2.56 -15.11
C GLY A 123 1.32 4.00 -15.06
N GLY A 124 0.59 4.33 -13.99
CA GLY A 124 0.03 5.66 -13.86
C GLY A 124 -1.27 5.88 -14.63
N GLU A 125 -1.71 4.90 -15.40
CA GLU A 125 -2.97 5.04 -16.14
C GLU A 125 -4.12 4.39 -15.38
N VAL A 126 -5.27 5.06 -15.34
CA VAL A 126 -6.43 4.50 -14.64
C VAL A 126 -7.00 3.27 -15.37
N LYS A 127 -7.03 2.15 -14.67
CA LYS A 127 -7.57 0.91 -15.21
C LYS A 127 -8.80 0.46 -14.45
N GLY A 128 -9.11 1.15 -13.34
CA GLY A 128 -10.30 0.85 -12.57
C GLY A 128 -10.48 1.79 -11.40
N VAL A 129 -11.53 1.56 -10.64
CA VAL A 129 -11.80 2.35 -9.43
C VAL A 129 -12.34 1.41 -8.36
N ILE A 130 -11.91 1.60 -7.12
CA ILE A 130 -12.56 0.92 -6.01
C ILE A 130 -13.36 1.95 -5.25
N THR A 131 -14.64 1.64 -5.02
CA THR A 131 -15.57 2.54 -4.37
C THR A 131 -16.19 1.85 -3.16
N ILE A 132 -16.18 2.54 -2.03
CA ILE A 132 -16.74 1.98 -0.81
C ILE A 132 -17.71 2.97 -0.15
N PHE A 133 -18.67 2.45 0.60
CA PHE A 133 -19.57 3.26 1.36
C PHE A 133 -19.46 2.85 2.83
N LYS A 134 -19.33 3.81 3.72
CA LYS A 134 -19.17 3.50 5.12
C LYS A 134 -19.57 4.70 5.99
N GLU A 135 -20.19 4.42 7.13
CA GLU A 135 -20.60 5.46 8.07
C GLU A 135 -19.42 6.00 8.88
N PHE A 136 -19.40 7.32 9.07
CA PHE A 136 -18.41 7.99 9.89
C PHE A 136 -19.12 9.03 10.74
N SER A 137 -18.54 9.32 11.90
CA SER A 137 -19.13 10.26 12.85
C SER A 137 -18.38 11.60 12.90
N ASP A 138 -17.36 11.76 12.06
CA ASP A 138 -16.64 13.03 11.96
C ASP A 138 -15.72 13.06 10.75
N LYS A 139 -15.51 14.25 10.18
CA LYS A 139 -14.72 14.40 8.97
C LYS A 139 -13.29 13.94 9.15
N GLU A 140 -12.81 13.92 10.39
CA GLU A 140 -11.41 13.61 10.66
C GLU A 140 -11.08 12.14 10.42
N SER A 141 -11.79 11.25 11.10
CA SER A 141 -11.60 9.81 10.92
C SER A 141 -11.88 9.37 9.47
N LEU A 142 -12.65 10.17 8.75
CA LEU A 142 -12.92 9.88 7.35
C LEU A 142 -11.64 10.10 6.53
N GLU A 143 -10.91 11.17 6.84
CA GLU A 143 -9.68 11.48 6.13
C GLU A 143 -8.62 10.41 6.35
N ASN A 144 -8.53 9.89 7.56
CA ASN A 144 -7.58 8.82 7.85
C ASN A 144 -7.93 7.55 7.07
N PHE A 145 -9.21 7.23 7.03
CA PHE A 145 -9.67 6.03 6.37
C PHE A 145 -9.39 6.11 4.87
N TYR A 146 -9.51 7.31 4.31
CA TYR A 146 -9.28 7.49 2.90
C TYR A 146 -7.87 7.01 2.51
N GLN A 147 -6.88 7.26 3.35
CA GLN A 147 -5.50 6.90 3.00
C GLN A 147 -5.42 5.39 2.76
N THR A 148 -6.10 4.64 3.61
CA THR A 148 -6.07 3.19 3.50
C THR A 148 -6.78 2.68 2.25
N ILE A 149 -7.91 3.28 1.89
CA ILE A 149 -8.57 2.89 0.65
C ILE A 149 -7.66 3.22 -0.54
N ASN A 150 -6.96 4.35 -0.49
CA ASN A 150 -6.03 4.66 -1.56
C ASN A 150 -4.93 3.61 -1.67
N VAL A 151 -4.44 3.14 -0.54
CA VAL A 151 -3.43 2.09 -0.53
C VAL A 151 -3.98 0.84 -1.20
N ILE A 152 -5.23 0.50 -0.90
CA ILE A 152 -5.83 -0.70 -1.48
C ILE A 152 -5.98 -0.56 -3.00
N GLY A 153 -6.30 0.64 -3.46
CA GLY A 153 -6.36 0.88 -4.90
C GLY A 153 -5.02 0.64 -5.57
N ASN A 154 -3.95 1.02 -4.90
CA ASN A 154 -2.60 0.76 -5.40
C ASN A 154 -2.23 -0.74 -5.42
N LEU A 155 -2.59 -1.45 -4.35
CA LEU A 155 -2.38 -2.89 -4.33
C LEU A 155 -3.13 -3.52 -5.48
N LEU A 156 -4.33 -3.03 -5.74
CA LEU A 156 -5.11 -3.55 -6.85
C LEU A 156 -4.45 -3.22 -8.20
N GLY A 157 -3.83 -2.04 -8.31
CA GLY A 157 -3.11 -1.68 -9.52
C GLY A 157 -2.01 -2.69 -9.81
N MET A 158 -1.26 -3.08 -8.77
CA MET A 158 -0.22 -4.05 -8.98
CA MET A 158 -0.22 -4.09 -8.91
C MET A 158 -0.84 -5.39 -9.38
N PHE A 159 -1.98 -5.74 -8.80
CA PHE A 159 -2.67 -6.98 -9.13
C PHE A 159 -3.12 -6.98 -10.60
N PHE A 160 -3.65 -5.85 -11.07
CA PHE A 160 -4.05 -5.75 -12.48
C PHE A 160 -2.86 -5.99 -13.42
N LYS A 161 -1.70 -5.47 -13.05
CA LYS A 161 -0.48 -5.69 -13.82
C LYS A 161 -0.07 -7.16 -13.76
N LEU A 162 -0.16 -7.75 -12.56
CA LEU A 162 0.17 -9.14 -12.36
CA LEU A 162 0.17 -9.16 -12.35
C LEU A 162 -0.63 -10.06 -13.28
N ARG A 163 -1.92 -9.75 -13.42
CA ARG A 163 -2.83 -10.61 -14.16
C ARG A 163 -3.07 -10.12 -15.58
N GLU A 164 -2.27 -9.18 -16.03
CA GLU A 164 -2.31 -8.73 -17.42
C GLU A 164 -3.67 -8.23 -17.83
N ARG B 3 2.78 18.82 4.58
CA ARG B 3 2.09 17.74 5.29
C ARG B 3 2.68 16.38 4.89
N LEU B 4 3.10 15.64 5.91
CA LEU B 4 3.76 14.36 5.70
C LEU B 4 2.81 13.35 5.11
N LYS B 5 1.57 13.31 5.61
CA LYS B 5 0.60 12.34 5.09
C LYS B 5 0.41 12.54 3.59
N LEU B 6 0.40 13.80 3.18
CA LEU B 6 0.23 14.11 1.76
C LEU B 6 1.41 13.56 0.94
N LYS B 7 2.62 13.74 1.44
CA LYS B 7 3.80 13.20 0.79
C LYS B 7 3.76 11.67 0.78
N GLU B 8 3.20 11.08 1.84
CA GLU B 8 3.10 9.62 1.92
C GLU B 8 2.11 9.05 0.92
N ILE B 9 0.97 9.69 0.75
CA ILE B 9 0.02 9.27 -0.26
C ILE B 9 0.67 9.34 -1.64
N ASN B 10 1.31 10.46 -1.94
CA ASN B 10 1.90 10.67 -3.25
C ASN B 10 3.03 9.72 -3.55
N VAL B 11 3.84 9.39 -2.55
CA VAL B 11 4.98 8.49 -2.79
C VAL B 11 4.51 7.06 -3.02
N VAL B 12 3.47 6.63 -2.31
CA VAL B 12 2.86 5.33 -2.57
C VAL B 12 2.33 5.26 -4.01
N ASN B 13 1.67 6.31 -4.47
CA ASN B 13 1.18 6.31 -5.84
C ASN B 13 2.33 6.21 -6.84
N GLU B 14 3.39 6.95 -6.56
CA GLU B 14 4.55 6.99 -7.44
C GLU B 14 5.27 5.62 -7.47
N ILE B 15 5.36 4.98 -6.32
CA ILE B 15 6.03 3.68 -6.25
C ILE B 15 5.24 2.63 -7.04
N THR B 16 3.91 2.70 -6.95
CA THR B 16 3.08 1.80 -7.72
C THR B 16 3.29 2.02 -9.22
N LYS B 17 3.43 3.26 -9.63
CA LYS B 17 3.69 3.57 -11.04
C LYS B 17 5.02 2.96 -11.50
N ILE B 18 6.05 3.10 -10.69
CA ILE B 18 7.36 2.53 -11.00
C ILE B 18 7.28 1.00 -11.11
N LEU B 19 6.68 0.37 -10.10
CA LEU B 19 6.66 -1.09 -10.01
C LEU B 19 5.69 -1.76 -10.98
N THR B 20 4.81 -0.98 -11.60
CA THR B 20 3.96 -1.51 -12.67
C THR B 20 4.47 -1.11 -14.05
N GLY B 21 5.67 -0.53 -14.09
CA GLY B 21 6.32 -0.15 -15.34
C GLY B 21 7.07 -1.33 -15.95
N ASP B 22 8.08 -1.02 -16.73
CA ASP B 22 8.83 -2.04 -17.45
C ASP B 22 10.33 -1.95 -17.18
N TYR B 23 10.72 -1.31 -16.08
CA TYR B 23 12.14 -1.19 -15.75
C TYR B 23 12.67 -2.54 -15.28
N THR B 24 13.98 -2.73 -15.31
CA THR B 24 14.54 -4.01 -14.85
C THR B 24 14.26 -4.14 -13.37
N PHE B 25 14.41 -5.36 -12.86
CA PHE B 25 14.15 -5.63 -11.44
C PHE B 25 15.01 -4.72 -10.58
N GLU B 26 16.31 -4.72 -10.86
CA GLU B 26 17.27 -3.90 -10.12
C GLU B 26 17.04 -2.40 -10.25
N GLU B 27 16.76 -1.92 -11.48
CA GLU B 27 16.49 -0.50 -11.68
C GLU B 27 15.20 -0.06 -10.93
N SER B 28 14.20 -0.94 -10.89
CA SER B 28 12.94 -0.63 -10.20
C SER B 28 13.15 -0.43 -8.70
N LEU B 29 13.86 -1.36 -8.09
CA LEU B 29 14.13 -1.27 -6.66
C LEU B 29 14.89 0.03 -6.35
N LYS B 30 15.87 0.33 -7.20
CA LYS B 30 16.69 1.51 -6.99
C LYS B 30 15.85 2.77 -7.03
N GLU B 31 14.93 2.84 -7.98
CA GLU B 31 14.12 4.04 -8.17
C GLU B 31 13.13 4.20 -7.01
N VAL B 32 12.65 3.09 -6.46
CA VAL B 32 11.80 3.16 -5.26
C VAL B 32 12.54 3.84 -4.11
N LEU B 33 13.78 3.44 -3.87
CA LEU B 33 14.54 4.02 -2.78
C LEU B 33 14.85 5.49 -3.08
N LYS B 34 15.10 5.82 -4.35
CA LYS B 34 15.33 7.22 -4.73
C LYS B 34 14.11 8.10 -4.41
N VAL B 35 12.89 7.62 -4.68
CA VAL B 35 11.75 8.47 -4.40
C VAL B 35 11.45 8.51 -2.89
N LEU B 36 11.85 7.48 -2.14
CA LEU B 36 11.73 7.56 -0.68
C LEU B 36 12.59 8.70 -0.19
N TYR B 37 13.70 8.92 -0.85
CA TYR B 37 14.53 10.06 -0.49
C TYR B 37 13.85 11.37 -0.88
N SER B 38 13.47 11.48 -2.15
CA SER B 38 13.01 12.75 -2.67
C SER B 38 11.63 13.17 -2.11
N TYR B 39 10.78 12.19 -1.81
CA TYR B 39 9.46 12.48 -1.24
C TYR B 39 9.45 12.53 0.29
N LEU B 40 10.14 11.59 0.93
CA LEU B 40 9.99 11.41 2.37
C LEU B 40 11.24 11.67 3.20
N GLY B 41 12.32 12.06 2.54
CA GLY B 41 13.54 12.40 3.24
C GLY B 41 14.30 11.23 3.83
N VAL B 42 14.05 10.04 3.34
CA VAL B 42 14.80 8.87 3.78
C VAL B 42 16.20 8.90 3.18
N GLU B 43 17.20 9.17 4.02
CA GLU B 43 18.56 9.41 3.56
C GLU B 43 19.36 8.15 3.25
N HIS B 44 19.06 7.07 3.97
CA HIS B 44 19.76 5.80 3.77
C HIS B 44 18.74 4.66 3.76
N SER B 45 18.88 3.73 2.82
CA SER B 45 17.95 2.62 2.76
C SER B 45 18.49 1.46 1.94
N PHE B 46 17.91 0.28 2.11
CA PHE B 46 18.24 -0.81 1.23
C PHE B 46 17.14 -1.81 1.20
N ILE B 47 17.15 -2.63 0.16
CA ILE B 47 16.22 -3.73 0.02
C ILE B 47 17.05 -4.99 -0.10
N ALA B 48 16.80 -5.94 0.79
CA ALA B 48 17.57 -7.16 0.81
C ALA B 48 16.69 -8.33 0.41
N ILE B 49 17.28 -9.27 -0.31
CA ILE B 49 16.52 -10.37 -0.86
C ILE B 49 17.09 -11.69 -0.44
N ARG B 50 16.16 -12.61 -0.21
CA ARG B 50 16.43 -13.93 0.32
C ARG B 50 17.12 -14.78 -0.73
N GLU B 51 18.21 -15.42 -0.32
CA GLU B 51 18.86 -16.44 -1.13
C GLU B 51 18.86 -17.74 -0.33
N GLY B 52 17.65 -18.27 -0.13
CA GLY B 52 17.45 -19.43 0.72
C GLY B 52 17.23 -19.01 2.15
N ASN B 53 18.27 -19.12 2.96
CA ASN B 53 18.19 -18.74 4.37
C ASN B 53 19.10 -17.55 4.68
N THR B 54 19.67 -16.94 3.64
CA THR B 54 20.48 -15.74 3.81
C THR B 54 19.83 -14.55 3.12
N LEU B 55 20.15 -13.36 3.59
CA LEU B 55 19.64 -12.14 3.01
C LEU B 55 20.83 -11.34 2.47
N ARG B 56 20.70 -10.85 1.25
CA ARG B 56 21.75 -10.06 0.63
C ARG B 56 21.17 -8.76 0.09
N ILE B 57 21.85 -7.64 0.31
CA ILE B 57 21.39 -6.38 -0.22
C ILE B 57 21.34 -6.45 -1.75
N ALA B 58 20.20 -6.08 -2.33
CA ALA B 58 19.97 -6.14 -3.76
C ALA B 58 19.99 -4.75 -4.37
N SER B 59 19.53 -3.77 -3.60
CA SER B 59 19.54 -2.39 -4.05
C SER B 59 19.70 -1.49 -2.83
N SER B 60 20.28 -0.31 -3.03
CA SER B 60 20.50 0.60 -1.91
C SER B 60 20.45 2.06 -2.33
N TYR B 61 20.29 2.93 -1.34
CA TYR B 61 20.36 4.36 -1.56
C TYR B 61 21.15 4.99 -0.43
N GLY B 62 21.95 6.00 -0.72
CA GLY B 62 22.76 6.64 0.30
C GLY B 62 24.04 5.88 0.61
N TYR B 63 24.37 5.78 1.89
CA TYR B 63 25.66 5.26 2.33
C TYR B 63 25.94 3.80 1.95
N PHE B 64 24.88 3.04 1.66
CA PHE B 64 25.02 1.62 1.35
C PHE B 64 25.43 1.35 -0.10
N LEU B 65 25.70 2.41 -0.86
CA LEU B 65 26.07 2.26 -2.26
C LEU B 65 27.44 1.59 -2.39
N ASN B 66 27.52 0.57 -3.25
CA ASN B 66 28.75 -0.20 -3.43
C ASN B 66 29.15 -0.98 -2.18
N LYS B 67 28.14 -1.38 -1.40
CA LYS B 67 28.36 -2.25 -0.24
C LYS B 67 27.70 -3.61 -0.47
N ASP B 68 28.45 -4.68 -0.24
CA ASP B 68 27.93 -6.03 -0.40
C ASP B 68 27.78 -6.67 0.98
N VAL B 69 26.57 -6.65 1.50
CA VAL B 69 26.32 -7.11 2.86
C VAL B 69 25.27 -8.22 2.87
N ALA B 70 25.42 -9.15 3.81
CA ALA B 70 24.48 -10.24 3.96
C ALA B 70 24.04 -10.38 5.42
N PHE B 71 22.80 -10.83 5.61
CA PHE B 71 22.25 -11.09 6.94
C PHE B 71 21.76 -12.52 7.00
N LYS B 72 22.03 -13.18 8.13
CA LYS B 72 21.45 -14.49 8.39
C LYS B 72 20.26 -14.35 9.33
N LYS B 73 19.38 -15.34 9.33
CA LYS B 73 18.19 -15.28 10.16
C LYS B 73 18.55 -14.96 11.60
N GLY B 74 17.88 -13.98 12.19
CA GLY B 74 18.16 -13.58 13.56
C GLY B 74 19.32 -12.60 13.69
N GLU B 75 19.99 -12.29 12.58
CA GLU B 75 21.17 -11.42 12.62
C GLU B 75 20.79 -9.94 12.59
N GLY B 76 20.96 -9.28 13.73
CA GLY B 76 20.66 -7.86 13.84
C GLY B 76 19.19 -7.57 13.62
N ILE B 77 18.86 -6.31 13.34
CA ILE B 77 17.47 -5.93 13.18
C ILE B 77 16.90 -6.53 11.89
N THR B 78 17.57 -6.26 10.77
CA THR B 78 17.10 -6.77 9.48
C THR B 78 16.97 -8.28 9.51
N GLY B 79 17.92 -8.95 10.13
CA GLY B 79 17.93 -10.41 10.18
C GLY B 79 16.77 -11.01 10.95
N LYS B 80 16.35 -10.32 12.01
CA LYS B 80 15.22 -10.77 12.80
CA LYS B 80 15.22 -10.77 12.81
C LYS B 80 13.92 -10.59 12.02
N VAL B 81 13.83 -9.48 11.29
CA VAL B 81 12.64 -9.23 10.49
C VAL B 81 12.53 -10.31 9.41
N PHE B 82 13.66 -10.68 8.85
CA PHE B 82 13.73 -11.72 7.82
C PHE B 82 13.19 -13.04 8.37
N GLN B 83 13.65 -13.41 9.56
CA GLN B 83 13.26 -14.68 10.18
C GLN B 83 11.78 -14.73 10.60
N ARG B 84 11.28 -13.69 11.26
CA ARG B 84 9.92 -13.74 11.81
C ARG B 84 8.84 -13.19 10.90
N GLY B 85 9.22 -12.37 9.93
CA GLY B 85 8.26 -11.73 9.06
C GLY B 85 7.40 -10.76 9.81
N ILE B 86 7.98 -10.14 10.84
CA ILE B 86 7.31 -9.03 11.53
C ILE B 86 8.25 -7.82 11.60
N PRO B 87 7.70 -6.62 11.51
CA PRO B 87 8.59 -5.45 11.39
C PRO B 87 9.25 -5.08 12.71
N LEU B 88 10.30 -4.28 12.61
CA LEU B 88 10.93 -3.67 13.77
C LEU B 88 11.07 -2.17 13.54
N VAL B 89 10.73 -1.43 14.57
CA VAL B 89 10.75 0.03 14.55
C VAL B 89 11.61 0.46 15.73
N ILE B 90 12.80 0.97 15.44
CA ILE B 90 13.80 1.18 16.48
C ILE B 90 14.18 2.64 16.56
N PRO B 91 13.68 3.35 17.56
CA PRO B 91 14.06 4.76 17.70
C PRO B 91 15.50 4.91 18.19
N ASN B 92 16.15 6.03 17.86
CA ASN B 92 17.53 6.26 18.31
C ASN B 92 18.40 5.02 18.12
N VAL B 93 18.36 4.45 16.92
CA VAL B 93 19.01 3.17 16.67
C VAL B 93 20.52 3.22 16.88
N LYS B 94 21.11 4.40 16.71
CA LYS B 94 22.55 4.59 16.83
C LYS B 94 23.11 3.88 18.07
N HIS B 95 22.34 3.86 19.15
CA HIS B 95 22.84 3.29 20.41
C HIS B 95 22.02 2.11 20.89
N ASN B 96 21.31 1.45 19.98
CA ASN B 96 20.52 0.28 20.37
C ASN B 96 21.38 -0.98 20.35
N SER B 97 21.13 -1.86 21.32
CA SER B 97 21.95 -3.05 21.52
C SER B 97 21.82 -4.04 20.38
N ALA B 98 20.62 -4.14 19.80
CA ALA B 98 20.38 -5.11 18.74
C ALA B 98 20.90 -4.61 17.39
N PHE B 99 21.18 -3.32 17.30
CA PHE B 99 21.69 -2.75 16.06
C PHE B 99 23.10 -3.28 15.79
N ALA B 100 23.23 -4.07 14.72
CA ALA B 100 24.49 -4.73 14.39
C ALA B 100 25.45 -3.84 13.63
N ASN B 101 24.94 -2.70 13.14
CA ASN B 101 25.77 -1.74 12.44
C ASN B 101 26.78 -2.43 11.54
N LYS B 102 26.29 -3.36 10.71
CA LYS B 102 27.15 -4.19 9.88
C LYS B 102 27.91 -3.40 8.81
N THR B 103 27.61 -2.10 8.68
CA THR B 103 28.21 -1.29 7.62
C THR B 103 28.89 -0.02 8.13
N GLY B 104 29.02 0.10 9.44
CA GLY B 104 29.66 1.27 10.02
C GLY B 104 28.89 2.55 9.73
N ILE B 105 27.63 2.42 9.33
CA ILE B 105 26.79 3.58 9.05
C ILE B 105 26.46 4.39 10.30
N GLY B 106 26.58 3.76 11.48
CA GLY B 106 26.20 4.40 12.72
C GLY B 106 26.92 5.71 12.97
N ARG B 107 28.22 5.72 12.71
CA ARG B 107 29.03 6.92 12.85
C ARG B 107 28.44 8.09 12.07
N LEU B 108 27.66 7.75 11.04
CA LEU B 108 27.12 8.75 10.13
C LEU B 108 25.71 9.19 10.51
N LEU B 109 25.11 8.46 11.45
CA LEU B 109 23.78 8.80 11.96
C LEU B 109 23.87 9.85 13.07
N THR B 110 22.74 10.46 13.39
CA THR B 110 22.62 11.31 14.57
C THR B 110 21.85 10.54 15.62
N GLU B 111 21.49 11.23 16.70
CA GLU B 111 20.74 10.60 17.80
C GLU B 111 19.25 10.48 17.45
N LYS B 112 18.79 11.24 16.47
CA LYS B 112 17.37 11.23 16.12
C LYS B 112 17.04 10.15 15.10
N HIS B 113 18.05 9.59 14.44
CA HIS B 113 17.78 8.57 13.43
C HIS B 113 17.11 7.34 14.05
N ALA B 114 16.04 6.89 13.39
CA ALA B 114 15.40 5.62 13.70
C ALA B 114 15.61 4.67 12.54
N LEU B 115 15.50 3.39 12.84
CA LEU B 115 15.54 2.37 11.82
C LEU B 115 14.17 1.70 11.78
N ILE B 116 13.60 1.60 10.59
CA ILE B 116 12.41 0.80 10.39
C ILE B 116 12.74 -0.28 9.38
N ALA B 117 12.50 -1.52 9.75
CA ALA B 117 12.70 -2.65 8.85
C ALA B 117 11.36 -3.40 8.72
N ALA B 118 10.91 -3.58 7.47
CA ALA B 118 9.64 -4.23 7.19
C ALA B 118 9.83 -5.39 6.24
N PRO B 119 9.07 -6.48 6.47
CA PRO B 119 9.19 -7.64 5.59
C PRO B 119 8.51 -7.43 4.23
N ILE B 120 9.08 -8.07 3.23
CA ILE B 120 8.51 -8.14 1.90
C ILE B 120 7.98 -9.55 1.70
N LYS B 121 6.66 -9.71 1.57
CA LYS B 121 6.04 -11.05 1.57
C LYS B 121 5.28 -11.36 0.30
N VAL B 122 5.42 -12.59 -0.17
CA VAL B 122 4.68 -13.13 -1.30
C VAL B 122 3.91 -14.35 -0.81
N GLY B 123 2.58 -14.30 -0.93
CA GLY B 123 1.75 -15.37 -0.41
C GLY B 123 1.89 -15.50 1.10
N GLY B 124 2.24 -14.41 1.76
CA GLY B 124 2.41 -14.44 3.21
C GLY B 124 3.77 -14.95 3.69
N GLU B 125 4.66 -15.29 2.75
CA GLU B 125 5.99 -15.77 3.11
C GLU B 125 7.04 -14.71 2.86
N VAL B 126 7.99 -14.58 3.77
CA VAL B 126 9.03 -13.55 3.64
C VAL B 126 10.00 -13.89 2.51
N LYS B 127 10.13 -12.94 1.59
CA LYS B 127 11.07 -13.06 0.49
C LYS B 127 12.15 -11.99 0.55
N GLY B 128 11.97 -10.98 1.40
CA GLY B 128 12.93 -9.88 1.49
C GLY B 128 12.62 -8.96 2.66
N VAL B 129 13.47 -7.95 2.82
CA VAL B 129 13.29 -6.92 3.83
C VAL B 129 13.64 -5.55 3.25
N ILE B 130 12.84 -4.53 3.55
CA ILE B 130 13.20 -3.15 3.28
C ILE B 130 13.55 -2.45 4.60
N THR B 131 14.71 -1.82 4.62
CA THR B 131 15.22 -1.16 5.80
C THR B 131 15.52 0.30 5.47
N ILE B 132 15.04 1.20 6.32
CA ILE B 132 15.21 2.63 6.11
C ILE B 132 15.67 3.32 7.37
N PHE B 133 16.40 4.42 7.19
CA PHE B 133 16.85 5.27 8.28
C PHE B 133 16.30 6.67 8.03
N LYS B 134 15.73 7.27 9.06
CA LYS B 134 15.12 8.60 8.96
C LYS B 134 15.06 9.22 10.34
N GLU B 135 15.27 10.54 10.41
CA GLU B 135 15.24 11.25 11.68
C GLU B 135 13.81 11.50 12.17
N PHE B 136 13.60 11.33 13.47
CA PHE B 136 12.31 11.65 14.09
C PHE B 136 12.52 12.39 15.39
N SER B 137 11.58 13.27 15.72
CA SER B 137 11.68 14.12 16.91
C SER B 137 10.92 13.53 18.09
N ASP B 138 9.96 12.65 17.80
CA ASP B 138 9.16 12.02 18.83
C ASP B 138 8.78 10.60 18.41
N LYS B 139 8.46 9.75 19.39
CA LYS B 139 8.19 8.35 19.12
C LYS B 139 6.83 8.14 18.44
N GLU B 140 5.91 9.10 18.59
CA GLU B 140 4.59 8.97 17.97
C GLU B 140 4.66 9.11 16.45
N SER B 141 5.42 10.10 15.98
CA SER B 141 5.57 10.31 14.54
C SER B 141 6.27 9.12 13.89
N LEU B 142 7.16 8.49 14.65
CA LEU B 142 7.84 7.31 14.16
C LEU B 142 6.84 6.20 13.91
N GLU B 143 5.96 5.98 14.89
CA GLU B 143 4.98 4.91 14.81
C GLU B 143 4.04 5.11 13.62
N ASN B 144 3.63 6.35 13.39
CA ASN B 144 2.81 6.65 12.21
C ASN B 144 3.53 6.34 10.90
N PHE B 145 4.82 6.69 10.85
CA PHE B 145 5.59 6.56 9.62
C PHE B 145 5.75 5.09 9.24
N TYR B 146 5.81 4.23 10.24
CA TYR B 146 5.92 2.81 10.00
C TYR B 146 4.78 2.31 9.12
N GLN B 147 3.59 2.87 9.27
CA GLN B 147 2.45 2.37 8.49
C GLN B 147 2.77 2.50 7.00
N THR B 148 3.45 3.58 6.62
CA THR B 148 3.74 3.82 5.21
C THR B 148 4.83 2.89 4.71
N ILE B 149 5.86 2.67 5.52
CA ILE B 149 6.93 1.76 5.13
C ILE B 149 6.38 0.33 5.02
N ASN B 150 5.44 -0.03 5.88
CA ASN B 150 4.78 -1.32 5.75
C ASN B 150 4.04 -1.46 4.43
N VAL B 151 3.37 -0.41 4.00
CA VAL B 151 2.69 -0.41 2.71
C VAL B 151 3.70 -0.64 1.59
N ILE B 152 4.85 0.03 1.67
CA ILE B 152 5.85 -0.09 0.61
C ILE B 152 6.40 -1.52 0.59
N GLY B 153 6.58 -2.12 1.76
CA GLY B 153 6.99 -3.52 1.81
C GLY B 153 6.03 -4.43 1.08
N ASN B 154 4.74 -4.15 1.25
CA ASN B 154 3.70 -4.93 0.60
C ASN B 154 3.69 -4.71 -0.92
N LEU B 155 3.85 -3.47 -1.35
CA LEU B 155 3.96 -3.22 -2.79
C LEU B 155 5.14 -3.97 -3.38
N LEU B 156 6.25 -4.00 -2.64
CA LEU B 156 7.43 -4.74 -3.10
C LEU B 156 7.14 -6.25 -3.16
N GLY B 157 6.37 -6.76 -2.20
CA GLY B 157 5.96 -8.17 -2.26
C GLY B 157 5.19 -8.47 -3.54
N MET B 158 4.27 -7.58 -3.91
CA MET B 158 3.56 -7.80 -5.14
CA MET B 158 3.53 -7.71 -5.16
C MET B 158 4.49 -7.72 -6.34
N PHE B 159 5.49 -6.84 -6.27
CA PHE B 159 6.47 -6.73 -7.36
C PHE B 159 7.32 -7.99 -7.47
N PHE B 160 7.70 -8.56 -6.33
CA PHE B 160 8.44 -9.81 -6.31
C PHE B 160 7.60 -10.91 -6.98
N LYS B 161 6.30 -10.98 -6.68
CA LYS B 161 5.42 -11.94 -7.35
C LYS B 161 5.39 -11.68 -8.86
N LEU B 162 5.25 -10.42 -9.24
CA LEU B 162 5.16 -10.04 -10.64
C LEU B 162 6.39 -10.49 -11.44
N ARG B 163 7.56 -10.35 -10.84
CA ARG B 163 8.79 -10.62 -11.57
C ARG B 163 9.35 -12.03 -11.32
N GLU B 164 8.52 -12.86 -10.69
CA GLU B 164 8.78 -14.30 -10.55
C GLU B 164 9.97 -14.56 -9.65
CL CL C . -14.50 17.22 -12.27
CL CL D . -23.60 0.29 5.95
CL CL E . -21.81 8.60 -8.18
CL CL F . 7.33 5.65 -14.95
#